data_1PNF
#
_entry.id   1PNF
#
_cell.length_a   87.110
_cell.length_b   123.080
_cell.length_c   77.710
_cell.angle_alpha   90.00
_cell.angle_beta   90.00
_cell.angle_gamma   90.00
#
_symmetry.space_group_name_H-M   'C 2 2 21'
#
loop_
_entity.id
_entity.type
_entity.pdbx_description
1 polymer 'PEPTIDE-N(4)-(N-ACETYL-BETA-D-GLUCOSAMINYL)ASPARAGINE AMIDASE F'
2 branched 2-acetamido-2-deoxy-beta-D-glucopyranose-(1-4)-2-acetamido-2-deoxy-alpha-D-glucopyranose
3 non-polymer 'SULFATE ION'
4 water water
#
_entity_poly.entity_id   1
_entity_poly.type   'polypeptide(L)'
_entity_poly.pdbx_seq_one_letter_code
;APADNTVNIKTFDKVKNAFGDGLSQSAEGTFTFPADVTTVKTIKMFIKNECPNKTCDEWDRYANVYVKNKTTGEWYEIGR
FITPYWVGTEKLPRGLEIDVTDFKSLLSGNTELKIYTETWLAKGREYSVDFDIVYGTPDYKYSAVVPVIQYNKSSIDGVP
YGKAHTLGLKKNIQLPTNTEKAYLRTTISGWGHAKPYDAGSRGCAEWCFRTHTIAINNANTFQHQLGALGCSANPINNQS
PGNWAPDRAGWCPGMAVPTRIDVLNNSLTGSTFSYEYKFQSWTNNGTNGDAFYAISSFVIAKSNTPISAPVVTN
;
_entity_poly.pdbx_strand_id   A
#
loop_
_chem_comp.id
_chem_comp.type
_chem_comp.name
_chem_comp.formula
NAG D-saccharide, beta linking 2-acetamido-2-deoxy-beta-D-glucopyranose 'C8 H15 N O6'
NDG D-saccharide, alpha linking 2-acetamido-2-deoxy-alpha-D-glucopyranose 'C8 H15 N O6'
SO4 non-polymer 'SULFATE ION' 'O4 S -2'
#
# COMPACT_ATOMS: atom_id res chain seq x y z
N ALA A 1 28.11 -4.88 23.72
CA ALA A 1 26.95 -4.02 24.02
C ALA A 1 25.71 -4.89 24.12
N PRO A 2 24.68 -4.44 24.86
CA PRO A 2 23.47 -5.24 24.98
C PRO A 2 22.95 -5.52 23.57
N ALA A 3 22.61 -6.78 23.33
CA ALA A 3 22.09 -7.19 22.03
C ALA A 3 20.86 -6.36 21.72
N ASP A 4 20.79 -5.88 20.47
CA ASP A 4 19.65 -5.10 19.99
C ASP A 4 18.49 -6.04 19.87
N ASN A 5 17.39 -5.70 20.52
CA ASN A 5 16.26 -6.58 20.48
C ASN A 5 15.20 -6.33 19.41
N THR A 6 14.40 -7.37 19.21
CA THR A 6 13.30 -7.39 18.27
C THR A 6 12.08 -7.79 19.08
N VAL A 7 11.03 -6.97 18.97
CA VAL A 7 9.79 -7.17 19.69
C VAL A 7 8.71 -7.54 18.68
N ASN A 8 7.88 -8.52 19.02
CA ASN A 8 6.80 -8.93 18.13
C ASN A 8 5.49 -8.47 18.76
N ILE A 9 4.66 -7.77 18.00
CA ILE A 9 3.38 -7.27 18.48
C ILE A 9 2.25 -7.96 17.72
N LYS A 10 1.45 -8.70 18.43
CA LYS A 10 0.25 -9.33 17.83
C LYS A 10 -0.96 -8.32 18.01
N THR A 11 -1.78 -8.11 16.93
CA THR A 11 -3.05 -7.22 16.95
C THR A 11 -4.19 -8.07 16.35
N PHE A 12 -4.55 -7.96 15.10
CA PHE A 12 -5.71 -8.76 14.61
C PHE A 12 -5.44 -10.26 14.77
N ASP A 13 -6.37 -10.96 15.41
CA ASP A 13 -6.23 -12.39 15.61
C ASP A 13 -7.43 -13.05 14.97
N LYS A 14 -7.20 -13.72 13.85
CA LYS A 14 -8.27 -14.38 13.13
C LYS A 14 -9.53 -13.52 12.97
N VAL A 15 -9.35 -12.30 12.49
CA VAL A 15 -10.49 -11.39 12.24
C VAL A 15 -11.04 -11.70 10.84
N LYS A 16 -12.32 -11.42 10.65
CA LYS A 16 -12.97 -11.70 9.39
C LYS A 16 -13.51 -10.46 8.70
N ASN A 17 -13.19 -10.34 7.41
CA ASN A 17 -13.68 -9.31 6.54
C ASN A 17 -14.67 -10.04 5.72
N ALA A 18 -15.93 -9.62 5.68
CA ALA A 18 -16.92 -10.35 4.90
C ALA A 18 -18.03 -9.45 4.43
N PHE A 19 -18.85 -9.98 3.53
CA PHE A 19 -19.96 -9.20 3.01
C PHE A 19 -21.23 -9.96 3.30
N GLY A 20 -22.13 -9.31 4.02
CA GLY A 20 -23.38 -9.92 4.39
C GLY A 20 -24.09 -9.00 5.33
N ASP A 21 -25.32 -9.36 5.73
CA ASP A 21 -26.10 -8.50 6.60
C ASP A 21 -25.40 -8.00 7.85
N GLY A 22 -25.00 -8.92 8.73
CA GLY A 22 -24.32 -8.49 9.93
C GLY A 22 -22.83 -8.68 9.76
N LEU A 23 -22.34 -8.39 8.56
CA LEU A 23 -20.94 -8.60 8.26
C LEU A 23 -20.28 -7.31 7.82
N SER A 24 -18.96 -7.26 7.90
CA SER A 24 -18.22 -6.07 7.54
C SER A 24 -16.95 -6.38 6.75
N GLN A 25 -16.78 -5.67 5.64
CA GLN A 25 -15.62 -5.80 4.76
C GLN A 25 -14.31 -5.37 5.44
N SER A 26 -14.41 -4.64 6.54
CA SER A 26 -13.25 -4.20 7.28
C SER A 26 -13.39 -4.49 8.79
N ALA A 27 -12.24 -4.60 9.45
CA ALA A 27 -12.19 -4.86 10.87
C ALA A 27 -11.19 -3.84 11.41
N GLU A 28 -11.53 -3.20 12.53
CA GLU A 28 -10.63 -2.22 13.15
C GLU A 28 -10.41 -2.57 14.62
N GLY A 29 -9.27 -2.18 15.16
CA GLY A 29 -8.98 -2.47 16.54
C GLY A 29 -7.85 -1.61 17.09
N THR A 30 -7.78 -1.47 18.41
CA THR A 30 -6.73 -0.68 19.04
C THR A 30 -5.76 -1.64 19.72
N PHE A 31 -4.48 -1.48 19.41
CA PHE A 31 -3.48 -2.36 19.95
C PHE A 31 -2.38 -1.54 20.56
N THR A 32 -1.75 -2.09 21.59
CA THR A 32 -0.71 -1.38 22.30
C THR A 32 0.67 -1.64 21.73
N PHE A 33 1.27 -0.59 21.20
CA PHE A 33 2.62 -0.63 20.67
C PHE A 33 3.49 0.13 21.67
N PRO A 34 4.77 -0.24 21.81
CA PRO A 34 5.63 0.49 22.74
C PRO A 34 5.60 1.97 22.36
N ALA A 35 5.66 2.82 23.37
CA ALA A 35 5.60 4.25 23.13
C ALA A 35 6.79 4.88 22.39
N ASP A 36 8.01 4.51 22.77
CA ASP A 36 9.24 5.10 22.20
C ASP A 36 9.67 4.48 20.89
N VAL A 37 9.79 5.29 19.83
CA VAL A 37 10.24 4.78 18.54
C VAL A 37 11.54 5.40 18.08
N THR A 38 12.23 6.09 18.98
CA THR A 38 13.48 6.75 18.60
C THR A 38 14.60 5.80 18.20
N THR A 39 14.54 4.53 18.62
CA THR A 39 15.58 3.56 18.25
C THR A 39 15.08 2.47 17.30
N VAL A 40 13.86 2.63 16.80
CA VAL A 40 13.27 1.67 15.87
C VAL A 40 14.02 1.77 14.56
N LYS A 41 14.57 0.64 14.13
CA LYS A 41 15.31 0.58 12.90
C LYS A 41 14.42 0.03 11.77
N THR A 42 13.56 -0.94 12.10
CA THR A 42 12.67 -1.57 11.12
C THR A 42 11.38 -2.08 11.76
N ILE A 43 10.29 -2.04 11.01
CA ILE A 43 9.02 -2.62 11.47
C ILE A 43 8.50 -3.42 10.28
N LYS A 44 8.27 -4.72 10.48
CA LYS A 44 7.74 -5.58 9.42
C LYS A 44 6.34 -5.98 9.82
N MET A 45 5.42 -5.90 8.88
CA MET A 45 4.06 -6.29 9.15
C MET A 45 3.87 -7.63 8.44
N PHE A 46 3.26 -8.58 9.15
CA PHE A 46 2.99 -9.89 8.59
C PHE A 46 1.50 -10.15 8.59
N ILE A 47 0.97 -10.46 7.42
CA ILE A 47 -0.45 -10.74 7.25
C ILE A 47 -0.63 -12.23 6.90
N LYS A 48 -1.31 -12.95 7.78
CA LYS A 48 -1.59 -14.37 7.57
C LYS A 48 -3.06 -14.49 7.26
N ASN A 49 -3.38 -15.09 6.11
CA ASN A 49 -4.75 -15.30 5.68
C ASN A 49 -5.06 -16.78 5.82
N GLU A 50 -5.96 -17.09 6.75
CA GLU A 50 -6.33 -18.47 6.99
C GLU A 50 -7.52 -18.82 6.11
N CYS A 51 -7.28 -19.62 5.07
CA CYS A 51 -8.35 -20.06 4.18
C CYS A 51 -8.20 -21.54 3.92
N PRO A 52 -8.50 -22.36 4.94
CA PRO A 52 -8.39 -23.82 4.78
C PRO A 52 -9.65 -24.35 4.11
N ASN A 53 -9.52 -25.46 3.40
CA ASN A 53 -10.69 -26.10 2.80
C ASN A 53 -11.65 -25.23 2.00
N LYS A 54 -11.12 -24.32 1.18
CA LYS A 54 -11.93 -23.43 0.34
C LYS A 54 -13.09 -22.78 1.09
N THR A 55 -12.83 -22.39 2.33
CA THR A 55 -13.83 -21.78 3.17
C THR A 55 -13.90 -20.26 2.99
N CYS A 56 -13.16 -19.74 2.03
CA CYS A 56 -13.14 -18.29 1.83
C CYS A 56 -13.61 -17.84 0.46
N ASP A 57 -13.82 -16.54 0.33
CA ASP A 57 -14.21 -15.88 -0.91
C ASP A 57 -12.99 -16.17 -1.78
N GLU A 58 -13.14 -17.13 -2.70
CA GLU A 58 -12.06 -17.62 -3.57
C GLU A 58 -11.43 -16.68 -4.61
N TRP A 59 -12.03 -15.51 -4.82
CA TRP A 59 -11.49 -14.56 -5.79
C TRP A 59 -10.22 -13.89 -5.28
N ASP A 60 -9.42 -13.38 -6.20
CA ASP A 60 -8.22 -12.66 -5.83
C ASP A 60 -8.67 -11.21 -5.55
N ARG A 61 -8.92 -10.92 -4.27
CA ARG A 61 -9.42 -9.61 -3.88
C ARG A 61 -8.41 -8.58 -3.43
N TYR A 62 -8.77 -7.34 -3.68
CA TYR A 62 -7.98 -6.18 -3.25
C TYR A 62 -8.15 -6.12 -1.70
N ALA A 63 -7.05 -5.91 -0.97
CA ALA A 63 -7.11 -5.83 0.47
C ALA A 63 -6.01 -4.89 0.95
N ASN A 64 -6.22 -4.25 2.10
CA ASN A 64 -5.22 -3.33 2.63
C ASN A 64 -5.36 -3.05 4.13
N VAL A 65 -4.28 -2.55 4.72
CA VAL A 65 -4.19 -2.24 6.15
C VAL A 65 -3.88 -0.76 6.37
N TYR A 66 -4.53 -0.17 7.38
CA TYR A 66 -4.35 1.24 7.68
C TYR A 66 -3.99 1.48 9.15
N VAL A 67 -3.30 2.59 9.40
CA VAL A 67 -3.00 3.01 10.76
C VAL A 67 -3.72 4.36 10.89
N LYS A 68 -4.32 4.61 12.05
CA LYS A 68 -5.00 5.87 12.29
C LYS A 68 -4.10 6.95 12.87
N ASN A 69 -4.19 8.14 12.29
CA ASN A 69 -3.43 9.30 12.73
C ASN A 69 -4.16 9.73 13.98
N LYS A 70 -3.50 9.57 15.12
CA LYS A 70 -4.08 9.89 16.42
C LYS A 70 -4.66 11.28 16.58
N THR A 71 -4.10 12.27 15.89
CA THR A 71 -4.58 13.63 16.01
C THR A 71 -5.65 14.02 15.00
N THR A 72 -5.48 13.60 13.76
CA THR A 72 -6.42 13.93 12.72
C THR A 72 -7.54 12.93 12.56
N GLY A 73 -7.33 11.70 13.03
CA GLY A 73 -8.32 10.65 12.89
C GLY A 73 -8.35 10.02 11.50
N GLU A 74 -7.42 10.46 10.65
CA GLU A 74 -7.33 9.95 9.29
C GLU A 74 -6.58 8.61 9.18
N TRP A 75 -7.12 7.73 8.34
CA TRP A 75 -6.53 6.41 8.08
C TRP A 75 -5.45 6.50 7.00
N TYR A 76 -4.27 5.95 7.27
CA TYR A 76 -3.18 5.95 6.30
C TYR A 76 -2.95 4.53 5.88
N GLU A 77 -2.97 4.26 4.57
CA GLU A 77 -2.72 2.91 4.06
C GLU A 77 -1.24 2.52 4.25
N ILE A 78 -0.99 1.55 5.13
CA ILE A 78 0.40 1.12 5.39
C ILE A 78 0.84 -0.09 4.57
N GLY A 79 -0.12 -0.81 4.01
CA GLY A 79 0.22 -1.97 3.20
C GLY A 79 -0.98 -2.41 2.37
N ARG A 80 -0.72 -3.01 1.20
CA ARG A 80 -1.78 -3.49 0.29
C ARG A 80 -1.36 -4.83 -0.34
N PHE A 81 -2.32 -5.72 -0.56
CA PHE A 81 -2.02 -7.02 -1.14
C PHE A 81 -3.26 -7.54 -1.85
N ILE A 82 -3.06 -8.53 -2.71
CA ILE A 82 -4.17 -9.12 -3.43
C ILE A 82 -4.28 -10.53 -2.86
N THR A 83 -5.47 -10.92 -2.40
CA THR A 83 -5.62 -12.25 -1.84
C THR A 83 -5.38 -13.28 -2.93
N PRO A 84 -4.85 -14.44 -2.54
CA PRO A 84 -4.64 -15.45 -3.57
C PRO A 84 -5.99 -16.05 -3.92
N TYR A 85 -6.06 -16.73 -5.06
CA TYR A 85 -7.29 -17.40 -5.46
C TYR A 85 -7.41 -18.67 -4.64
N TRP A 86 -8.64 -19.02 -4.26
CA TRP A 86 -8.96 -20.28 -3.53
C TRP A 86 -8.35 -20.61 -2.17
N VAL A 87 -7.08 -20.31 -2.00
CA VAL A 87 -6.36 -20.62 -0.78
C VAL A 87 -5.92 -19.38 -0.04
N GLY A 88 -5.31 -19.58 1.12
CA GLY A 88 -4.80 -18.48 1.92
C GLY A 88 -3.30 -18.36 1.72
N THR A 89 -2.61 -17.87 2.74
CA THR A 89 -1.17 -17.69 2.66
C THR A 89 -0.36 -18.79 3.37
N GLU A 90 -0.97 -19.92 3.67
CA GLU A 90 -0.29 -21.00 4.38
C GLU A 90 1.08 -21.39 3.82
N LYS A 91 1.27 -21.21 2.51
CA LYS A 91 2.56 -21.54 1.91
C LYS A 91 3.67 -20.69 2.53
N LEU A 92 3.28 -19.54 3.07
CA LEU A 92 4.22 -18.64 3.73
C LEU A 92 3.90 -18.77 5.24
N PRO A 93 4.76 -19.47 5.99
CA PRO A 93 4.56 -19.68 7.43
C PRO A 93 4.24 -18.44 8.25
N ARG A 94 4.94 -17.35 7.96
CA ARG A 94 4.73 -16.09 8.67
C ARG A 94 3.78 -15.15 7.96
N GLY A 95 3.33 -15.56 6.78
CA GLY A 95 2.42 -14.73 6.02
C GLY A 95 3.07 -13.75 5.08
N LEU A 96 2.24 -12.89 4.49
CA LEU A 96 2.71 -11.88 3.56
C LEU A 96 3.42 -10.81 4.37
N GLU A 97 4.59 -10.39 3.90
CA GLU A 97 5.37 -9.41 4.63
C GLU A 97 5.47 -8.08 3.94
N ILE A 98 5.20 -7.01 4.68
CA ILE A 98 5.29 -5.66 4.15
C ILE A 98 6.02 -4.79 5.18
N ASP A 99 7.07 -4.10 4.74
CA ASP A 99 7.83 -3.22 5.60
C ASP A 99 7.02 -1.94 5.82
N VAL A 100 6.71 -1.65 7.09
CA VAL A 100 5.92 -0.47 7.43
C VAL A 100 6.71 0.50 8.31
N THR A 101 8.04 0.39 8.28
CA THR A 101 8.94 1.26 9.05
C THR A 101 8.61 2.75 8.87
N ASP A 102 8.26 3.14 7.65
CA ASP A 102 7.92 4.54 7.36
C ASP A 102 6.85 5.10 8.27
N PHE A 103 6.06 4.21 8.87
CA PHE A 103 4.98 4.61 9.77
C PHE A 103 5.29 4.43 11.25
N LYS A 104 6.57 4.27 11.59
CA LYS A 104 6.94 4.10 13.01
C LYS A 104 6.43 5.22 13.93
N SER A 105 6.32 6.43 13.41
CA SER A 105 5.82 7.52 14.22
C SER A 105 4.34 7.33 14.60
N LEU A 106 3.59 6.54 13.81
CA LEU A 106 2.16 6.29 14.07
C LEU A 106 1.92 5.01 14.87
N LEU A 107 2.91 4.10 14.81
CA LEU A 107 2.84 2.81 15.48
C LEU A 107 3.56 2.92 16.84
N SER A 108 2.95 3.67 17.74
CA SER A 108 3.46 3.94 19.09
C SER A 108 2.25 4.03 19.98
N GLY A 109 2.33 3.46 21.17
CA GLY A 109 1.23 3.55 22.09
C GLY A 109 0.01 2.83 21.55
N ASN A 110 -1.13 3.12 22.15
CA ASN A 110 -2.37 2.50 21.72
C ASN A 110 -2.73 3.07 20.39
N THR A 111 -2.55 2.22 19.40
CA THR A 111 -2.75 2.56 18.02
C THR A 111 -3.89 1.78 17.40
N GLU A 112 -4.73 2.49 16.66
CA GLU A 112 -5.85 1.86 15.98
C GLU A 112 -5.45 1.44 14.57
N LEU A 113 -5.82 0.24 14.19
CA LEU A 113 -5.53 -0.34 12.87
C LEU A 113 -6.85 -0.78 12.21
N LYS A 114 -6.83 -0.87 10.89
CA LYS A 114 -8.00 -1.32 10.14
C LYS A 114 -7.54 -2.23 9.01
N ILE A 115 -8.21 -3.35 8.85
CA ILE A 115 -7.91 -4.27 7.77
C ILE A 115 -9.19 -4.44 6.94
N TYR A 116 -9.05 -4.28 5.63
CA TYR A 116 -10.16 -4.35 4.70
C TYR A 116 -9.89 -5.31 3.52
N THR A 117 -10.97 -5.92 3.04
CA THR A 117 -10.91 -6.80 1.86
C THR A 117 -12.13 -6.47 1.02
N GLU A 118 -11.94 -6.35 -0.29
CA GLU A 118 -13.05 -6.03 -1.18
C GLU A 118 -13.79 -7.33 -1.51
N THR A 119 -14.18 -8.04 -0.45
CA THR A 119 -14.89 -9.31 -0.51
C THR A 119 -16.38 -9.07 -0.69
N TRP A 120 -17.03 -9.85 -1.55
CA TRP A 120 -18.46 -9.72 -1.80
C TRP A 120 -19.23 -11.00 -1.45
N LEU A 121 -18.57 -11.90 -0.71
CA LEU A 121 -19.17 -13.15 -0.28
C LEU A 121 -19.17 -13.20 1.22
N ALA A 122 -20.18 -13.85 1.78
CA ALA A 122 -20.29 -13.99 3.23
C ALA A 122 -19.11 -14.78 3.78
N LYS A 123 -18.54 -15.68 2.97
CA LYS A 123 -17.38 -16.45 3.38
C LYS A 123 -16.23 -15.54 3.76
N GLY A 124 -16.09 -14.43 3.04
CA GLY A 124 -15.02 -13.48 3.31
C GLY A 124 -13.61 -14.01 3.36
N ARG A 125 -12.77 -13.33 4.13
CA ARG A 125 -11.38 -13.70 4.34
C ARG A 125 -11.05 -13.47 5.83
N GLU A 126 -10.24 -14.35 6.40
CA GLU A 126 -9.86 -14.27 7.80
C GLU A 126 -8.38 -13.98 7.90
N TYR A 127 -8.00 -13.07 8.79
CA TYR A 127 -6.60 -12.71 8.94
C TYR A 127 -6.11 -12.59 10.36
N SER A 128 -4.79 -12.65 10.48
CA SER A 128 -4.09 -12.46 11.73
C SER A 128 -2.90 -11.60 11.29
N VAL A 129 -2.68 -10.49 11.99
CA VAL A 129 -1.58 -9.58 11.65
C VAL A 129 -0.70 -9.33 12.87
N ASP A 130 0.61 -9.51 12.71
CA ASP A 130 1.55 -9.26 13.80
C ASP A 130 2.65 -8.39 13.20
N PHE A 131 3.40 -7.70 14.06
CA PHE A 131 4.44 -6.80 13.62
C PHE A 131 5.74 -7.08 14.36
N ASP A 132 6.85 -7.02 13.63
CA ASP A 132 8.16 -7.19 14.23
C ASP A 132 8.81 -5.81 14.27
N ILE A 133 9.17 -5.35 15.46
CA ILE A 133 9.85 -4.07 15.63
C ILE A 133 11.29 -4.42 16.00
N VAL A 134 12.22 -3.97 15.18
CA VAL A 134 13.61 -4.25 15.40
C VAL A 134 14.27 -2.97 15.85
N TYR A 135 14.84 -2.98 17.05
CA TYR A 135 15.51 -1.79 17.56
C TYR A 135 17.00 -1.86 17.29
N GLY A 136 17.60 -0.71 17.07
CA GLY A 136 19.01 -0.66 16.78
C GLY A 136 19.36 0.82 16.74
N THR A 137 20.00 1.27 15.67
CA THR A 137 20.36 2.67 15.55
C THR A 137 19.97 3.23 14.19
N PRO A 138 18.75 3.75 14.06
CA PRO A 138 18.36 4.32 12.76
C PRO A 138 19.27 5.51 12.49
N ASP A 139 19.54 5.83 11.23
CA ASP A 139 20.43 6.96 10.93
C ASP A 139 19.79 8.24 11.42
N TYR A 140 18.47 8.28 11.38
CA TYR A 140 17.76 9.45 11.83
C TYR A 140 16.89 9.06 13.02
N LYS A 141 17.00 9.83 14.09
CA LYS A 141 16.26 9.58 15.31
C LYS A 141 14.77 9.84 15.15
N TYR A 142 14.41 10.82 14.33
CA TYR A 142 13.02 11.16 14.14
C TYR A 142 12.53 11.03 12.69
N SER A 143 11.24 10.77 12.52
CA SER A 143 10.63 10.66 11.19
C SER A 143 9.18 11.10 11.32
N ALA A 144 8.65 11.62 10.22
CA ALA A 144 7.27 12.09 10.13
C ALA A 144 6.79 11.68 8.75
N VAL A 145 5.51 11.29 8.64
CA VAL A 145 4.95 10.86 7.37
C VAL A 145 3.54 11.44 7.21
N VAL A 146 3.17 11.80 5.99
CA VAL A 146 1.84 12.35 5.73
C VAL A 146 1.48 11.94 4.30
N PRO A 147 0.20 11.63 4.05
CA PRO A 147 -0.14 11.24 2.68
C PRO A 147 -0.19 12.43 1.77
N VAL A 148 0.25 12.24 0.54
CA VAL A 148 0.18 13.25 -0.49
C VAL A 148 -1.19 12.99 -1.14
N ILE A 149 -1.45 11.74 -1.54
CA ILE A 149 -2.73 11.35 -2.12
C ILE A 149 -3.09 9.94 -1.69
N GLN A 150 -4.39 9.69 -1.56
CA GLN A 150 -4.92 8.38 -1.22
C GLN A 150 -6.28 8.21 -1.91
N TYR A 151 -6.26 7.41 -2.93
CA TYR A 151 -7.43 6.99 -3.68
C TYR A 151 -7.35 5.49 -3.62
N ASN A 152 -7.72 4.98 -2.45
CA ASN A 152 -7.51 3.56 -2.18
C ASN A 152 -8.54 2.85 -1.32
N LYS A 153 -9.69 3.46 -1.11
CA LYS A 153 -10.73 2.84 -0.30
C LYS A 153 -11.09 1.43 -0.85
N SER A 154 -10.94 1.24 -2.16
CA SER A 154 -11.22 -0.04 -2.80
C SER A 154 -10.56 0.03 -4.16
N SER A 155 -10.55 -1.07 -4.90
CA SER A 155 -9.91 -1.08 -6.21
C SER A 155 -10.62 -0.14 -7.17
N ILE A 156 -11.94 -0.11 -7.10
CA ILE A 156 -12.71 0.75 -7.97
C ILE A 156 -12.83 2.19 -7.45
N ASP A 157 -12.21 2.46 -6.30
CA ASP A 157 -12.21 3.80 -5.75
C ASP A 157 -10.87 4.43 -6.08
N GLY A 158 -10.11 3.75 -6.93
CA GLY A 158 -8.84 4.29 -7.36
C GLY A 158 -9.13 5.38 -8.38
N VAL A 159 -8.09 6.06 -8.86
CA VAL A 159 -8.31 7.11 -9.86
C VAL A 159 -8.74 6.48 -11.21
N PRO A 160 -9.82 6.99 -11.83
CA PRO A 160 -10.30 6.50 -13.12
C PRO A 160 -9.18 6.73 -14.13
N TYR A 161 -8.90 5.71 -14.93
CA TYR A 161 -7.83 5.78 -15.92
C TYR A 161 -8.39 5.77 -17.35
N GLY A 162 -7.99 6.74 -18.15
CA GLY A 162 -8.46 6.75 -19.53
C GLY A 162 -9.56 7.74 -19.87
N LYS A 163 -9.95 8.58 -18.91
CA LYS A 163 -10.98 9.57 -19.18
C LYS A 163 -10.31 10.75 -19.88
N ALA A 164 -11.11 11.66 -20.42
CA ALA A 164 -10.57 12.84 -21.12
C ALA A 164 -9.62 13.68 -20.25
N HIS A 165 -9.96 13.80 -18.96
CA HIS A 165 -9.17 14.57 -18.00
C HIS A 165 -9.08 13.74 -16.75
N THR A 166 -7.95 13.83 -16.07
CA THR A 166 -7.72 13.05 -14.86
C THR A 166 -7.21 14.04 -13.81
N LEU A 167 -8.09 14.47 -12.93
CA LEU A 167 -7.70 15.42 -11.90
C LEU A 167 -7.43 14.81 -10.52
N GLY A 168 -6.87 15.62 -9.62
CA GLY A 168 -6.57 15.18 -8.27
C GLY A 168 -5.20 14.57 -8.02
N LEU A 169 -4.27 14.73 -8.95
CA LEU A 169 -2.94 14.13 -8.81
C LEU A 169 -1.82 15.13 -8.59
N LYS A 170 -2.19 16.39 -8.39
CA LYS A 170 -1.23 17.47 -8.19
C LYS A 170 -1.42 18.14 -6.82
N LYS A 171 -0.32 18.29 -6.08
CA LYS A 171 -0.33 18.89 -4.75
C LYS A 171 0.96 19.64 -4.55
N ASN A 172 1.03 20.39 -3.47
CA ASN A 172 2.23 21.13 -3.09
C ASN A 172 2.67 20.53 -1.76
N ILE A 173 3.96 20.28 -1.63
CA ILE A 173 4.49 19.70 -0.41
C ILE A 173 5.49 20.66 0.21
N GLN A 174 5.38 20.83 1.52
CA GLN A 174 6.23 21.74 2.27
C GLN A 174 7.02 20.93 3.30
N LEU A 175 8.33 20.79 3.06
CA LEU A 175 9.21 20.04 3.96
C LEU A 175 9.79 20.90 5.07
N PRO A 176 9.83 20.37 6.31
CA PRO A 176 10.38 21.13 7.43
C PRO A 176 11.84 21.51 7.12
N THR A 177 12.26 22.66 7.61
CA THR A 177 13.62 23.13 7.39
C THR A 177 14.69 22.22 7.98
N ASN A 178 14.35 21.48 9.03
CA ASN A 178 15.30 20.57 9.67
C ASN A 178 15.36 19.18 9.02
N THR A 179 14.62 19.01 7.94
CA THR A 179 14.58 17.76 7.21
C THR A 179 15.98 17.44 6.70
N GLU A 180 16.46 16.24 7.00
CA GLU A 180 17.79 15.81 6.56
C GLU A 180 17.70 14.77 5.44
N LYS A 181 16.56 14.10 5.34
CA LYS A 181 16.33 13.10 4.30
C LYS A 181 14.83 13.05 4.07
N ALA A 182 14.42 13.00 2.81
CA ALA A 182 12.99 12.94 2.49
C ALA A 182 12.78 12.02 1.30
N TYR A 183 11.62 11.38 1.25
CA TYR A 183 11.32 10.50 0.14
C TYR A 183 9.85 10.20 0.08
N LEU A 184 9.45 9.67 -1.06
CA LEU A 184 8.06 9.32 -1.29
C LEU A 184 7.89 7.82 -1.20
N ARG A 185 6.74 7.40 -0.71
CA ARG A 185 6.37 5.99 -0.59
C ARG A 185 5.06 5.86 -1.39
N THR A 186 5.08 5.08 -2.47
CA THR A 186 3.90 4.93 -3.33
C THR A 186 3.49 3.46 -3.55
N THR A 187 2.18 3.21 -3.52
CA THR A 187 1.61 1.88 -3.73
C THR A 187 0.48 2.08 -4.73
N ILE A 188 0.65 1.51 -5.91
CA ILE A 188 -0.32 1.62 -6.99
C ILE A 188 -0.62 0.29 -7.67
N SER A 189 -1.90 0.04 -7.93
CA SER A 189 -2.37 -1.18 -8.59
C SER A 189 -3.54 -0.84 -9.51
N GLY A 190 -3.62 -1.51 -10.66
CA GLY A 190 -4.68 -1.24 -11.62
C GLY A 190 -5.78 -2.29 -11.65
N TRP A 191 -7.01 -1.82 -11.89
CA TRP A 191 -8.20 -2.65 -11.96
C TRP A 191 -8.83 -2.51 -13.33
N GLY A 192 -9.43 -3.59 -13.84
CA GLY A 192 -10.14 -3.53 -15.11
C GLY A 192 -9.53 -4.13 -16.33
N HIS A 193 -10.36 -4.38 -17.34
CA HIS A 193 -9.90 -4.93 -18.60
C HIS A 193 -10.56 -4.11 -19.70
N ALA A 194 -10.54 -2.80 -19.47
CA ALA A 194 -11.10 -1.82 -20.36
C ALA A 194 -10.47 -1.84 -21.72
N LYS A 195 -11.26 -1.45 -22.72
CA LYS A 195 -10.83 -1.36 -24.10
C LYS A 195 -10.51 0.10 -24.42
N PRO A 196 -9.72 0.36 -25.45
CA PRO A 196 -9.07 -0.59 -26.36
C PRO A 196 -7.99 -1.46 -25.73
N TYR A 197 -7.98 -2.75 -26.05
CA TYR A 197 -6.94 -3.63 -25.55
C TYR A 197 -5.60 -3.27 -26.16
N ASP A 198 -4.54 -3.60 -25.43
CA ASP A 198 -3.18 -3.41 -25.92
C ASP A 198 -2.97 -4.69 -26.73
N ALA A 199 -1.83 -4.81 -27.40
CA ALA A 199 -1.54 -6.03 -28.14
C ALA A 199 -1.65 -7.15 -27.11
N GLY A 200 -2.01 -8.35 -27.55
CA GLY A 200 -2.14 -9.46 -26.63
C GLY A 200 -3.45 -9.52 -25.85
N SER A 201 -4.43 -8.73 -26.29
CA SER A 201 -5.73 -8.64 -25.64
C SER A 201 -5.63 -8.24 -24.16
N ARG A 202 -4.77 -7.28 -23.89
CA ARG A 202 -4.55 -6.79 -22.53
C ARG A 202 -5.29 -5.47 -22.26
N GLY A 203 -6.37 -5.56 -21.50
CA GLY A 203 -7.14 -4.38 -21.17
C GLY A 203 -6.58 -3.65 -19.97
N CYS A 204 -7.05 -2.43 -19.76
CA CYS A 204 -6.60 -1.59 -18.64
C CYS A 204 -7.58 -1.55 -17.48
N ALA A 205 -7.09 -1.36 -16.25
CA ALA A 205 -5.68 -1.18 -15.96
C ALA A 205 -5.03 -2.38 -15.31
N GLU A 206 -5.73 -3.51 -15.25
CA GLU A 206 -5.16 -4.71 -14.64
C GLU A 206 -4.08 -5.36 -15.48
N TRP A 207 -4.32 -5.43 -16.79
CA TRP A 207 -3.42 -6.12 -17.69
C TRP A 207 -2.47 -5.30 -18.54
N CYS A 208 -2.85 -4.08 -18.88
CA CYS A 208 -1.98 -3.26 -19.71
C CYS A 208 -0.76 -2.71 -18.98
N PHE A 209 0.43 -3.08 -19.45
CA PHE A 209 1.69 -2.64 -18.85
C PHE A 209 1.90 -1.14 -19.10
N ARG A 210 2.19 -0.40 -18.04
CA ARG A 210 2.37 1.05 -18.11
C ARG A 210 3.48 1.56 -17.19
N THR A 211 4.09 2.69 -17.55
CA THR A 211 5.11 3.32 -16.75
C THR A 211 4.58 4.72 -16.44
N HIS A 212 4.37 5.02 -15.17
CA HIS A 212 3.85 6.33 -14.77
C HIS A 212 5.00 7.19 -14.35
N THR A 213 4.73 8.47 -14.15
CA THR A 213 5.75 9.41 -13.78
C THR A 213 5.39 10.35 -12.61
N ILE A 214 6.39 10.67 -11.80
CA ILE A 214 6.20 11.65 -10.72
C ILE A 214 7.12 12.81 -11.13
N ALA A 215 6.52 13.99 -11.25
CA ALA A 215 7.24 15.19 -11.62
C ALA A 215 7.36 16.05 -10.35
N ILE A 216 8.56 16.54 -10.07
CA ILE A 216 8.84 17.37 -8.92
C ILE A 216 9.13 18.75 -9.50
N ASN A 217 8.39 19.75 -9.07
CA ASN A 217 8.56 21.11 -9.58
C ASN A 217 8.51 21.08 -11.12
N ASN A 218 7.57 20.29 -11.63
CA ASN A 218 7.33 20.12 -13.06
C ASN A 218 8.33 19.29 -13.82
N ALA A 219 9.44 18.94 -13.21
CA ALA A 219 10.43 18.11 -13.88
C ALA A 219 10.13 16.63 -13.61
N ASN A 220 10.01 15.82 -14.66
CA ASN A 220 9.76 14.38 -14.51
C ASN A 220 10.97 13.81 -13.80
N THR A 221 10.74 13.38 -12.56
CA THR A 221 11.82 12.91 -11.70
C THR A 221 11.89 11.42 -11.42
N PHE A 222 10.74 10.79 -11.26
CA PHE A 222 10.72 9.36 -10.97
C PHE A 222 9.79 8.67 -11.96
N GLN A 223 9.99 7.37 -12.15
CA GLN A 223 9.18 6.59 -13.05
C GLN A 223 8.75 5.33 -12.34
N HIS A 224 7.48 4.98 -12.48
CA HIS A 224 6.95 3.79 -11.86
C HIS A 224 6.51 2.81 -12.94
N GLN A 225 7.36 1.85 -13.22
CA GLN A 225 7.04 0.82 -14.19
C GLN A 225 6.15 -0.25 -13.56
N LEU A 226 4.94 -0.40 -14.11
CA LEU A 226 4.02 -1.42 -13.65
C LEU A 226 4.17 -2.53 -14.72
N GLY A 227 5.13 -3.43 -14.47
CA GLY A 227 5.41 -4.50 -15.40
C GLY A 227 5.20 -5.88 -14.81
N ALA A 228 5.85 -6.88 -15.40
CA ALA A 228 5.73 -8.25 -14.96
C ALA A 228 6.57 -8.54 -13.71
N LEU A 229 5.89 -8.93 -12.62
CA LEU A 229 6.54 -9.27 -11.36
C LEU A 229 6.96 -10.74 -11.33
N GLY A 230 6.50 -11.52 -12.31
CA GLY A 230 6.79 -12.93 -12.37
C GLY A 230 5.85 -13.70 -11.49
N CYS A 231 4.55 -13.60 -11.78
CA CYS A 231 3.50 -14.26 -11.00
C CYS A 231 3.60 -15.78 -10.98
N SER A 232 4.18 -16.35 -12.03
CA SER A 232 4.36 -17.80 -12.11
C SER A 232 5.30 -18.32 -11.01
N ALA A 233 6.21 -17.46 -10.55
CA ALA A 233 7.17 -17.83 -9.51
C ALA A 233 6.67 -17.59 -8.08
N ASN A 234 5.41 -17.21 -7.96
CA ASN A 234 4.79 -16.94 -6.66
C ASN A 234 4.91 -18.21 -5.77
N PRO A 235 5.47 -18.06 -4.55
CA PRO A 235 5.61 -19.18 -3.61
C PRO A 235 4.25 -19.75 -3.22
N ILE A 236 3.23 -18.90 -3.25
CA ILE A 236 1.87 -19.36 -3.00
C ILE A 236 1.45 -19.87 -4.39
N ASN A 237 1.93 -21.06 -4.72
CA ASN A 237 1.69 -21.68 -6.02
C ASN A 237 0.59 -22.73 -6.06
N ASN A 238 -0.26 -22.72 -5.05
CA ASN A 238 -1.38 -23.66 -4.97
C ASN A 238 -2.72 -22.98 -5.27
N GLN A 239 -2.69 -21.97 -6.15
CA GLN A 239 -3.88 -21.20 -6.50
C GLN A 239 -4.78 -21.70 -7.61
N SER A 240 -4.33 -22.67 -8.38
CA SER A 240 -5.17 -23.21 -9.45
C SER A 240 -6.41 -23.84 -8.77
N PRO A 241 -7.56 -23.90 -9.48
CA PRO A 241 -7.86 -23.48 -10.85
C PRO A 241 -8.00 -21.99 -11.18
N GLY A 242 -7.59 -21.11 -10.26
CA GLY A 242 -7.69 -19.70 -10.54
C GLY A 242 -6.56 -19.27 -11.46
N ASN A 243 -6.80 -18.20 -12.22
CA ASN A 243 -5.83 -17.67 -13.15
C ASN A 243 -4.73 -16.87 -12.43
N TRP A 244 -3.91 -17.57 -11.66
CA TRP A 244 -2.87 -16.94 -10.84
C TRP A 244 -1.50 -16.64 -11.45
N ALA A 245 -1.08 -17.41 -12.44
CA ALA A 245 0.25 -17.26 -13.00
C ALA A 245 0.59 -16.14 -13.97
N PRO A 246 -0.36 -15.73 -14.84
CA PRO A 246 0.04 -14.64 -15.74
C PRO A 246 0.26 -13.31 -15.02
N ASP A 247 1.16 -12.52 -15.57
CA ASP A 247 1.53 -11.24 -15.00
C ASP A 247 0.57 -10.10 -15.24
N ARG A 248 0.19 -9.47 -14.13
CA ARG A 248 -0.67 -8.29 -14.17
C ARG A 248 0.32 -7.14 -14.24
N ALA A 249 -0.17 -5.93 -14.45
CA ALA A 249 0.73 -4.79 -14.51
C ALA A 249 1.09 -4.29 -13.11
N GLY A 250 2.23 -4.77 -12.60
CA GLY A 250 2.69 -4.34 -11.30
C GLY A 250 2.13 -5.05 -10.08
N TRP A 251 1.53 -6.23 -10.25
CA TRP A 251 1.00 -6.98 -9.13
C TRP A 251 0.73 -8.41 -9.49
N CYS A 252 0.49 -9.23 -8.47
CA CYS A 252 0.15 -10.65 -8.65
C CYS A 252 -0.87 -11.06 -7.57
N PRO A 253 -1.74 -12.04 -7.90
CA PRO A 253 -2.74 -12.56 -6.94
C PRO A 253 -1.96 -13.28 -5.85
N GLY A 254 -2.33 -13.06 -4.60
CA GLY A 254 -1.62 -13.73 -3.52
C GLY A 254 -0.25 -13.16 -3.28
N MET A 255 -0.14 -11.84 -3.39
CA MET A 255 1.14 -11.19 -3.21
C MET A 255 0.90 -9.72 -2.83
N ALA A 256 1.82 -9.16 -2.05
CA ALA A 256 1.72 -7.76 -1.64
C ALA A 256 1.96 -6.87 -2.84
N VAL A 257 1.25 -5.74 -2.87
CA VAL A 257 1.43 -4.79 -3.96
C VAL A 257 2.72 -4.08 -3.58
N PRO A 258 3.68 -3.99 -4.52
CA PRO A 258 4.96 -3.35 -4.25
C PRO A 258 4.94 -1.90 -3.75
N THR A 259 5.87 -1.61 -2.84
CA THR A 259 6.03 -0.28 -2.24
C THR A 259 7.15 0.39 -3.01
N ARG A 260 6.86 1.51 -3.62
CA ARG A 260 7.84 2.22 -4.43
C ARG A 260 8.41 3.41 -3.64
N ILE A 261 9.72 3.39 -3.43
CA ILE A 261 10.42 4.41 -2.66
C ILE A 261 11.26 5.32 -3.55
N ASP A 262 10.97 6.62 -3.51
CA ASP A 262 11.68 7.60 -4.33
C ASP A 262 12.31 8.66 -3.45
N VAL A 263 13.63 8.67 -3.42
CA VAL A 263 14.35 9.63 -2.61
C VAL A 263 14.41 11.01 -3.24
N LEU A 264 13.90 11.99 -2.51
CA LEU A 264 13.84 13.37 -2.96
C LEU A 264 15.19 14.08 -2.79
N ASN A 265 15.41 15.11 -3.61
CA ASN A 265 16.66 15.85 -3.57
C ASN A 265 16.74 16.74 -2.35
N ASN A 266 17.89 16.75 -1.69
CA ASN A 266 18.04 17.57 -0.51
C ASN A 266 17.85 19.04 -0.76
N SER A 267 17.94 19.46 -2.01
CA SER A 267 17.75 20.87 -2.35
C SER A 267 16.28 21.28 -2.13
N LEU A 268 15.40 20.30 -2.01
CA LEU A 268 13.97 20.53 -1.77
C LEU A 268 13.64 20.96 -0.35
N THR A 269 14.51 20.60 0.60
CA THR A 269 14.32 20.90 2.02
C THR A 269 14.14 22.39 2.30
N GLY A 270 13.24 22.67 3.24
CA GLY A 270 12.95 24.05 3.58
C GLY A 270 12.26 24.74 2.42
N SER A 271 11.65 23.94 1.54
CA SER A 271 10.94 24.46 0.37
C SER A 271 9.58 23.81 0.23
N THR A 272 8.73 24.52 -0.45
CA THR A 272 7.43 24.02 -0.86
C THR A 272 7.61 23.75 -2.34
N PHE A 273 7.39 22.52 -2.73
CA PHE A 273 7.55 22.14 -4.14
C PHE A 273 6.28 21.46 -4.67
N SER A 274 6.12 21.46 -5.99
CA SER A 274 4.96 20.83 -6.60
C SER A 274 5.22 19.34 -6.83
N TYR A 275 4.18 18.57 -6.63
CA TYR A 275 4.21 17.13 -6.82
C TYR A 275 3.11 16.83 -7.83
N GLU A 276 3.39 15.96 -8.78
CA GLU A 276 2.37 15.57 -9.73
C GLU A 276 2.53 14.14 -10.17
N TYR A 277 1.50 13.33 -9.95
CA TYR A 277 1.55 11.95 -10.39
C TYR A 277 0.89 11.91 -11.77
N LYS A 278 1.59 11.40 -12.76
CA LYS A 278 1.05 11.34 -14.12
C LYS A 278 1.00 9.91 -14.63
N PHE A 279 -0.20 9.45 -15.00
CA PHE A 279 -0.41 8.12 -15.54
C PHE A 279 0.03 8.13 -17.00
N GLN A 280 0.51 7.01 -17.50
CA GLN A 280 0.92 6.94 -18.91
C GLN A 280 -0.34 7.15 -19.70
N SER A 281 -0.27 8.03 -20.68
CA SER A 281 -1.40 8.39 -21.52
C SER A 281 -2.17 7.19 -22.10
N TRP A 282 -3.49 7.19 -21.94
CA TRP A 282 -4.36 6.14 -22.48
C TRP A 282 -5.81 6.63 -22.50
N THR A 283 -6.59 6.15 -23.45
CA THR A 283 -7.99 6.55 -23.56
C THR A 283 -8.94 5.36 -23.60
N ASN A 284 -9.82 5.34 -22.63
CA ASN A 284 -10.81 4.27 -22.50
C ASN A 284 -11.89 4.50 -23.55
N ASN A 285 -12.18 3.55 -24.42
CA ASN A 285 -13.25 3.80 -25.36
C ASN A 285 -14.62 3.46 -24.77
N GLY A 286 -14.63 3.00 -23.53
CA GLY A 286 -15.85 2.68 -22.80
C GLY A 286 -16.69 1.51 -23.26
N THR A 287 -16.09 0.62 -24.02
CA THR A 287 -16.81 -0.54 -24.53
C THR A 287 -16.66 -1.80 -23.70
N ASN A 288 -15.73 -1.79 -22.75
CA ASN A 288 -15.53 -2.97 -21.92
C ASN A 288 -15.30 -2.65 -20.43
N GLY A 289 -16.14 -1.77 -19.88
CA GLY A 289 -16.00 -1.44 -18.46
C GLY A 289 -14.97 -0.40 -18.12
N ASP A 290 -14.74 -0.23 -16.84
CA ASP A 290 -13.80 0.75 -16.29
C ASP A 290 -12.37 0.30 -16.05
N ALA A 291 -11.53 1.29 -15.73
CA ALA A 291 -10.12 1.13 -15.44
C ALA A 291 -9.85 2.12 -14.32
N PHE A 292 -9.20 1.66 -13.23
CA PHE A 292 -8.86 2.49 -12.06
C PHE A 292 -7.48 2.18 -11.51
N TYR A 293 -6.77 3.20 -11.03
CA TYR A 293 -5.48 2.98 -10.39
C TYR A 293 -5.60 3.33 -8.90
N ALA A 294 -5.71 2.31 -8.05
CA ALA A 294 -5.77 2.54 -6.61
C ALA A 294 -4.36 2.97 -6.27
N ILE A 295 -4.25 4.13 -5.64
CA ILE A 295 -2.96 4.69 -5.30
C ILE A 295 -2.92 5.48 -3.98
N SER A 296 -1.80 5.32 -3.29
CA SER A 296 -1.51 6.07 -2.08
C SER A 296 -0.05 6.45 -2.26
N SER A 297 0.28 7.71 -1.98
CA SER A 297 1.65 8.19 -2.11
C SER A 297 1.86 9.06 -0.88
N PHE A 298 2.86 8.75 -0.07
CA PHE A 298 3.14 9.51 1.15
C PHE A 298 4.50 10.18 1.04
N VAL A 299 4.72 11.23 1.82
CA VAL A 299 6.02 11.87 1.85
C VAL A 299 6.54 11.71 3.28
N ILE A 300 7.73 11.13 3.40
CA ILE A 300 8.39 10.91 4.69
C ILE A 300 9.55 11.90 4.85
N ALA A 301 9.63 12.49 6.04
CA ALA A 301 10.71 13.44 6.37
C ALA A 301 11.48 12.87 7.58
N LYS A 302 12.80 12.81 7.48
CA LYS A 302 13.66 12.29 8.56
C LYS A 302 14.75 13.26 8.98
N SER A 303 14.99 13.34 10.29
CA SER A 303 15.99 14.24 10.86
C SER A 303 16.47 13.76 12.24
N ASN A 304 17.64 14.20 12.63
CA ASN A 304 18.16 13.81 13.94
C ASN A 304 17.63 14.70 15.05
N THR A 305 16.84 15.69 14.64
CA THR A 305 16.21 16.59 15.56
C THR A 305 14.70 16.42 15.27
N PRO A 306 13.84 16.59 16.29
CA PRO A 306 12.39 16.45 16.12
C PRO A 306 11.94 17.11 14.85
N ILE A 307 11.13 16.40 14.06
CA ILE A 307 10.64 16.90 12.79
C ILE A 307 9.12 16.76 12.69
N SER A 308 8.44 17.84 12.30
CA SER A 308 6.99 17.83 12.16
C SER A 308 6.62 17.27 10.78
N ALA A 309 5.40 16.74 10.67
CA ALA A 309 4.94 16.17 9.41
C ALA A 309 4.96 17.26 8.34
N PRO A 310 5.34 16.88 7.11
CA PRO A 310 5.38 17.85 6.00
C PRO A 310 3.94 18.31 5.74
N VAL A 311 3.78 19.49 5.15
CA VAL A 311 2.45 20.02 4.87
C VAL A 311 2.09 19.86 3.40
N VAL A 312 0.95 19.24 3.14
CA VAL A 312 0.48 19.02 1.79
C VAL A 312 -0.77 19.86 1.49
N THR A 313 -0.70 20.64 0.41
CA THR A 313 -1.80 21.50 0.00
C THR A 313 -2.08 21.30 -1.49
N ASN A 314 -3.10 21.99 -1.99
CA ASN A 314 -3.43 21.90 -3.40
C ASN A 314 -2.80 23.11 -4.07
C1 NDG B . -10.76 -9.90 -9.91
C2 NDG B . -10.79 -8.44 -9.30
C3 NDG B . -12.13 -8.29 -8.54
C4 NDG B . -13.30 -8.66 -9.41
C5 NDG B . -13.13 -10.04 -10.04
C6 NDG B . -14.25 -10.48 -10.99
C7 NDG B . -8.68 -7.41 -8.52
C8 NDG B . -7.62 -7.45 -7.44
O5 NDG B . -11.88 -10.09 -10.77
O3 NDG B . -12.26 -6.94 -8.14
O4 NDG B . -14.52 -8.71 -8.64
O6 NDG B . -14.38 -9.65 -12.09
O7 NDG B . -8.66 -6.57 -9.44
N2 NDG B . -9.68 -8.28 -8.36
O1 NDG B . -10.90 -10.88 -8.95
C1 NAG B . -15.48 -7.78 -8.98
C2 NAG B . -16.84 -8.30 -8.53
C3 NAG B . -17.88 -7.21 -8.78
C4 NAG B . -17.46 -5.90 -8.11
C5 NAG B . -16.06 -5.50 -8.55
C6 NAG B . -15.57 -4.31 -7.77
C7 NAG B . -17.24 -10.69 -8.72
C8 NAG B . -17.68 -11.83 -9.62
N2 NAG B . -17.22 -9.49 -9.28
O3 NAG B . -19.12 -7.63 -8.26
O4 NAG B . -18.37 -4.88 -8.48
O5 NAG B . -15.12 -6.57 -8.30
O6 NAG B . -15.44 -4.62 -6.40
O7 NAG B . -16.90 -10.90 -7.56
S SO4 C . 16.98 5.35 8.71
O1 SO4 C . 18.02 4.51 9.22
O2 SO4 C . 16.70 6.44 9.57
O3 SO4 C . 15.86 4.49 8.64
O4 SO4 C . 17.42 5.85 7.47
#